data_4BC6
#
_entry.id   4BC6
#
_cell.length_a   51.170
_cell.length_b   114.030
_cell.length_c   134.340
_cell.angle_alpha   90.00
_cell.angle_beta   90.00
_cell.angle_gamma   90.00
#
_symmetry.space_group_name_H-M   'I 2 2 2'
#
loop_
_entity.id
_entity.type
_entity.pdbx_description
1 polymer 'SERINE/THREONINE-PROTEIN KINASE 10'
2 non-polymer 4-[(3,5-DICHLORO-4-METHOXYPHENYL)AMINO]-6-METHOXY-7-[3-(4-METHYLPIPERAZIN-1-YL)PROPOXY]QUINOLINE-3-CARBONITRILE
3 non-polymer 1,2-ETHANEDIOL
4 water water
#
_entity_poly.entity_id   1
_entity_poly.type   'polypeptide(L)'
_entity_poly.pdbx_seq_one_letter_code
;EHVRRDLDPNEVWEIVGELGDGAFGKVYKAKNKETGALAAAKVIETKSEEELEDYIVEIEILATCDHPYIVKLLGAYYHD
GKLWIMIEFCPGGAVDAIMLELDRGLTEPQIQVVCRQMLEALNFLHSKRIIHRDLKAGNVLMTLEGDIRLADFGVSAKNL
KTLQKRDSFIGTPYWMAPEVVMCETMKDTPYDYKADIWSLGITLIEMAQIEPPHHELNPMRVLLKIAKSDPPTLLTPSKW
SVEFRDFLKIALDKNPETRPSAAQLLEHPFVSSITSNKALRELVAEAKAEVME
;
_entity_poly.pdbx_strand_id   A
#
# COMPACT_ATOMS: atom_id res chain seq x y z
N GLU A 1 -18.65 12.42 9.35
CA GLU A 1 -18.05 13.16 8.24
C GLU A 1 -18.34 12.48 6.89
N HIS A 2 -18.08 11.15 6.78
CA HIS A 2 -18.31 10.35 5.57
C HIS A 2 -19.06 9.04 5.86
N VAL A 3 -19.37 8.78 7.14
CA VAL A 3 -20.07 7.58 7.58
C VAL A 3 -21.57 7.87 7.60
N ARG A 4 -22.34 7.18 6.74
CA ARG A 4 -23.79 7.34 6.64
C ARG A 4 -24.49 6.47 7.68
N ARG A 5 -25.24 7.11 8.59
CA ARG A 5 -25.97 6.43 9.66
C ARG A 5 -27.48 6.37 9.38
N ASP A 6 -27.99 7.37 8.64
CA ASP A 6 -29.41 7.50 8.30
C ASP A 6 -29.89 6.40 7.34
N LEU A 7 -29.00 5.93 6.44
CA LEU A 7 -29.34 4.88 5.48
C LEU A 7 -28.78 3.51 5.90
N ASP A 8 -29.64 2.46 5.83
CA ASP A 8 -29.30 1.09 6.17
C ASP A 8 -28.54 0.45 4.99
N PRO A 9 -27.29 -0.03 5.20
CA PRO A 9 -26.50 -0.58 4.08
C PRO A 9 -27.09 -1.81 3.40
N ASN A 10 -27.92 -2.62 4.12
CA ASN A 10 -28.55 -3.83 3.58
C ASN A 10 -29.67 -3.49 2.55
N GLU A 11 -29.93 -2.19 2.31
CA GLU A 11 -30.91 -1.71 1.34
C GLU A 11 -30.20 -1.16 0.07
N VAL A 12 -28.86 -1.37 -0.02
CA VAL A 12 -28.02 -0.93 -1.13
C VAL A 12 -26.91 -1.95 -1.43
N TRP A 13 -26.60 -2.84 -0.45
CA TRP A 13 -25.55 -3.86 -0.55
C TRP A 13 -26.03 -5.26 -0.17
N GLU A 14 -25.42 -6.28 -0.81
CA GLU A 14 -25.68 -7.70 -0.59
C GLU A 14 -24.34 -8.45 -0.53
N ILE A 15 -24.12 -9.23 0.54
CA ILE A 15 -22.89 -10.02 0.76
C ILE A 15 -22.98 -11.31 -0.07
N VAL A 16 -21.95 -11.56 -0.90
CA VAL A 16 -21.88 -12.69 -1.82
C VAL A 16 -20.86 -13.78 -1.38
N GLY A 17 -20.08 -13.51 -0.35
CA GLY A 17 -19.09 -14.45 0.16
C GLY A 17 -17.95 -13.81 0.92
N GLU A 18 -16.97 -14.64 1.33
CA GLU A 18 -15.79 -14.21 2.10
C GLU A 18 -14.55 -14.25 1.22
N LEU A 19 -13.83 -13.11 1.15
CA LEU A 19 -12.61 -12.99 0.34
C LEU A 19 -11.36 -13.41 1.12
N GLY A 20 -11.18 -12.84 2.30
CA GLY A 20 -10.02 -13.11 3.13
C GLY A 20 -10.30 -13.16 4.62
N ASP A 21 -9.52 -13.96 5.35
CA ASP A 21 -9.63 -14.16 6.80
C ASP A 21 -8.26 -14.02 7.49
N GLY A 22 -8.28 -13.72 8.78
CA GLY A 22 -7.08 -13.59 9.60
C GLY A 22 -6.53 -12.19 9.75
N ALA A 23 -5.61 -12.03 10.73
CA ALA A 23 -4.90 -10.79 11.12
C ALA A 23 -5.89 -9.70 11.63
N PHE A 24 -6.04 -8.57 10.88
CA PHE A 24 -6.91 -7.42 11.21
C PHE A 24 -8.41 -7.77 11.22
N GLY A 25 -8.81 -8.83 10.49
CA GLY A 25 -10.19 -9.29 10.42
C GLY A 25 -10.63 -9.86 9.09
N LYS A 26 -11.93 -10.21 9.03
CA LYS A 26 -12.59 -10.79 7.85
C LYS A 26 -12.94 -9.73 6.81
N VAL A 27 -12.73 -10.06 5.53
CA VAL A 27 -13.05 -9.23 4.37
C VAL A 27 -14.09 -9.98 3.55
N TYR A 28 -15.24 -9.33 3.31
CA TYR A 28 -16.36 -9.93 2.58
C TYR A 28 -16.46 -9.43 1.14
N LYS A 29 -17.05 -10.27 0.27
CA LYS A 29 -17.31 -9.96 -1.13
C LYS A 29 -18.75 -9.46 -1.21
N ALA A 30 -18.95 -8.25 -1.74
CA ALA A 30 -20.29 -7.68 -1.80
C ALA A 30 -20.64 -7.15 -3.18
N LYS A 31 -21.95 -7.12 -3.49
CA LYS A 31 -22.49 -6.61 -4.75
C LYS A 31 -23.56 -5.55 -4.48
N ASN A 32 -23.64 -4.56 -5.37
CA ASN A 32 -24.63 -3.49 -5.29
C ASN A 32 -26.01 -4.04 -5.70
N LYS A 33 -27.05 -3.76 -4.89
CA LYS A 33 -28.41 -4.23 -5.17
C LYS A 33 -29.07 -3.45 -6.32
N GLU A 34 -28.56 -2.23 -6.62
CA GLU A 34 -29.07 -1.38 -7.68
C GLU A 34 -28.21 -1.47 -8.96
N THR A 35 -26.93 -1.02 -8.89
CA THR A 35 -26.02 -0.98 -10.04
C THR A 35 -25.36 -2.34 -10.36
N GLY A 36 -25.29 -3.22 -9.37
CA GLY A 36 -24.68 -4.54 -9.54
C GLY A 36 -23.17 -4.55 -9.36
N ALA A 37 -22.59 -3.35 -9.09
CA ALA A 37 -21.16 -3.11 -8.88
C ALA A 37 -20.60 -3.97 -7.74
N LEU A 38 -19.33 -4.38 -7.85
CA LEU A 38 -18.72 -5.24 -6.85
C LEU A 38 -17.78 -4.49 -5.92
N ALA A 39 -17.86 -4.83 -4.64
CA ALA A 39 -17.04 -4.22 -3.61
C ALA A 39 -16.49 -5.24 -2.63
N ALA A 40 -15.24 -5.05 -2.23
CA ALA A 40 -14.60 -5.78 -1.15
C ALA A 40 -15.04 -5.06 0.10
N ALA A 41 -15.57 -5.77 1.10
CA ALA A 41 -16.13 -5.10 2.26
C ALA A 41 -15.71 -5.65 3.61
N LYS A 42 -15.77 -4.78 4.62
CA LYS A 42 -15.50 -5.10 6.02
C LYS A 42 -16.70 -4.67 6.85
N VAL A 43 -17.30 -5.63 7.58
CA VAL A 43 -18.45 -5.38 8.47
C VAL A 43 -17.93 -5.60 9.90
N ILE A 44 -17.17 -4.62 10.39
CA ILE A 44 -16.51 -4.62 11.70
C ILE A 44 -17.48 -4.31 12.83
N GLU A 45 -17.55 -5.21 13.84
CA GLU A 45 -18.38 -5.03 15.04
C GLU A 45 -17.63 -4.10 16.00
N THR A 46 -18.20 -2.88 16.23
CA THR A 46 -17.61 -1.85 17.09
C THR A 46 -17.52 -2.36 18.55
N LYS A 47 -16.32 -2.85 18.92
CA LYS A 47 -16.04 -3.37 20.27
C LYS A 47 -15.81 -2.22 21.25
N SER A 48 -14.72 -1.45 21.07
CA SER A 48 -14.36 -0.30 21.90
C SER A 48 -14.58 1.01 21.13
N GLU A 49 -14.67 2.14 21.85
CA GLU A 49 -14.84 3.48 21.25
C GLU A 49 -13.57 3.89 20.49
N GLU A 50 -12.39 3.44 21.00
CA GLU A 50 -11.07 3.70 20.43
C GLU A 50 -10.89 3.02 19.07
N GLU A 51 -11.32 1.74 18.96
CA GLU A 51 -11.27 0.92 17.74
C GLU A 51 -12.14 1.53 16.64
N LEU A 52 -13.33 2.04 17.02
CA LEU A 52 -14.31 2.70 16.16
C LEU A 52 -13.76 4.06 15.66
N GLU A 53 -13.16 4.86 16.57
CA GLU A 53 -12.55 6.16 16.29
C GLU A 53 -11.36 6.02 15.32
N ASP A 54 -10.64 4.88 15.42
CA ASP A 54 -9.49 4.56 14.57
C ASP A 54 -9.94 4.28 13.12
N TYR A 55 -11.03 3.48 12.94
CA TYR A 55 -11.58 3.16 11.63
C TYR A 55 -12.22 4.40 10.94
N ILE A 56 -12.72 5.39 11.74
CA ILE A 56 -13.31 6.62 11.19
C ILE A 56 -12.21 7.44 10.47
N VAL A 57 -11.00 7.54 11.08
CA VAL A 57 -9.85 8.25 10.50
C VAL A 57 -9.46 7.56 9.18
N GLU A 58 -9.47 6.20 9.18
CA GLU A 58 -9.19 5.39 8.00
C GLU A 58 -10.18 5.73 6.87
N ILE A 59 -11.50 5.84 7.19
CA ILE A 59 -12.56 6.22 6.24
C ILE A 59 -12.32 7.65 5.73
N GLU A 60 -11.93 8.58 6.63
CA GLU A 60 -11.66 9.97 6.22
C GLU A 60 -10.42 10.04 5.30
N ILE A 61 -9.43 9.15 5.50
CA ILE A 61 -8.24 9.07 4.64
C ILE A 61 -8.68 8.53 3.29
N LEU A 62 -9.41 7.39 3.31
CA LEU A 62 -9.95 6.74 2.12
C LEU A 62 -10.78 7.72 1.29
N ALA A 63 -11.65 8.52 1.93
CA ALA A 63 -12.52 9.48 1.26
C ALA A 63 -11.75 10.62 0.59
N THR A 64 -10.66 11.15 1.18
CA THR A 64 -9.92 12.20 0.47
C THR A 64 -8.95 11.61 -0.58
N CYS A 65 -8.56 10.34 -0.44
CA CYS A 65 -7.59 9.73 -1.35
C CYS A 65 -8.25 9.16 -2.60
N ASP A 66 -8.89 10.07 -3.34
CA ASP A 66 -9.56 9.83 -4.59
C ASP A 66 -8.49 10.01 -5.65
N HIS A 67 -7.87 8.89 -6.06
CA HIS A 67 -6.81 8.88 -7.07
C HIS A 67 -6.88 7.58 -7.88
N PRO A 68 -6.52 7.62 -9.19
CA PRO A 68 -6.55 6.38 -10.01
C PRO A 68 -5.80 5.16 -9.40
N TYR A 69 -4.67 5.38 -8.67
CA TYR A 69 -3.85 4.29 -8.14
C TYR A 69 -4.01 4.02 -6.63
N ILE A 70 -5.15 4.41 -6.05
CA ILE A 70 -5.43 4.16 -4.63
C ILE A 70 -6.81 3.51 -4.60
N VAL A 71 -7.02 2.50 -3.74
CA VAL A 71 -8.32 1.82 -3.59
C VAL A 71 -9.45 2.87 -3.48
N LYS A 72 -10.57 2.62 -4.15
CA LYS A 72 -11.71 3.55 -4.20
C LYS A 72 -12.76 3.21 -3.14
N LEU A 73 -13.11 4.21 -2.32
CA LEU A 73 -14.16 4.08 -1.31
C LEU A 73 -15.56 4.22 -1.96
N LEU A 74 -16.31 3.11 -2.00
CA LEU A 74 -17.68 3.04 -2.55
C LEU A 74 -18.75 3.26 -1.45
N GLY A 75 -18.33 3.74 -0.28
CA GLY A 75 -19.24 4.02 0.84
C GLY A 75 -18.88 3.45 2.19
N ALA A 76 -19.22 4.23 3.24
CA ALA A 76 -19.04 3.87 4.65
C ALA A 76 -20.38 4.01 5.37
N TYR A 77 -20.76 2.97 6.14
CA TYR A 77 -22.05 2.94 6.85
C TYR A 77 -21.92 2.49 8.29
N TYR A 78 -22.93 2.83 9.13
CA TYR A 78 -23.04 2.43 10.54
C TYR A 78 -24.52 2.22 10.90
N HIS A 79 -24.91 0.95 11.12
CA HIS A 79 -26.27 0.54 11.48
C HIS A 79 -26.26 -0.72 12.35
N ASP A 80 -27.04 -0.69 13.46
CA ASP A 80 -27.23 -1.77 14.44
C ASP A 80 -25.89 -2.25 15.09
N GLY A 81 -24.94 -1.33 15.26
CA GLY A 81 -23.65 -1.59 15.89
C GLY A 81 -22.54 -2.05 14.96
N LYS A 82 -22.90 -2.42 13.72
CA LYS A 82 -21.96 -2.90 12.71
C LYS A 82 -21.54 -1.78 11.76
N LEU A 83 -20.21 -1.59 11.58
CA LEU A 83 -19.63 -0.57 10.69
C LEU A 83 -19.27 -1.22 9.36
N TRP A 84 -19.88 -0.73 8.28
CA TRP A 84 -19.68 -1.22 6.91
C TRP A 84 -18.73 -0.30 6.14
N ILE A 85 -17.67 -0.86 5.55
CA ILE A 85 -16.71 -0.12 4.74
C ILE A 85 -16.67 -0.81 3.39
N MET A 86 -17.16 -0.11 2.35
CA MET A 86 -17.24 -0.64 0.99
C MET A 86 -16.15 -0.04 0.12
N ILE A 87 -15.26 -0.90 -0.43
CA ILE A 87 -14.17 -0.49 -1.31
C ILE A 87 -14.28 -1.23 -2.64
N GLU A 88 -14.00 -0.53 -3.78
CA GLU A 88 -14.01 -1.10 -5.12
C GLU A 88 -13.21 -2.40 -5.15
N PHE A 89 -13.89 -3.49 -5.54
CA PHE A 89 -13.32 -4.83 -5.62
C PHE A 89 -12.20 -4.85 -6.63
N CYS A 90 -10.99 -5.27 -6.19
CA CYS A 90 -9.83 -5.32 -7.06
C CYS A 90 -9.65 -6.79 -7.49
N PRO A 91 -10.14 -7.13 -8.72
CA PRO A 91 -10.17 -8.53 -9.17
C PRO A 91 -8.84 -9.30 -9.12
N GLY A 92 -7.73 -8.68 -9.51
CA GLY A 92 -6.45 -9.38 -9.51
C GLY A 92 -5.88 -9.69 -8.13
N GLY A 93 -6.42 -9.05 -7.10
CA GLY A 93 -5.95 -9.20 -5.71
C GLY A 93 -4.58 -8.63 -5.53
N ALA A 94 -3.87 -9.03 -4.46
CA ALA A 94 -2.54 -8.52 -4.08
C ALA A 94 -1.40 -9.13 -4.90
N VAL A 95 -0.36 -8.30 -5.13
CA VAL A 95 0.83 -8.63 -5.93
C VAL A 95 1.63 -9.78 -5.27
N ASP A 96 1.71 -9.80 -3.93
CA ASP A 96 2.41 -10.88 -3.24
C ASP A 96 1.70 -12.23 -3.46
N ALA A 97 0.35 -12.22 -3.60
CA ALA A 97 -0.41 -13.46 -3.82
C ALA A 97 -0.24 -13.91 -5.25
N ILE A 98 -0.09 -12.96 -6.20
CA ILE A 98 0.17 -13.25 -7.60
C ILE A 98 1.52 -13.95 -7.70
N MET A 99 2.56 -13.40 -7.06
CA MET A 99 3.90 -14.00 -7.07
C MET A 99 3.85 -15.43 -6.53
N LEU A 100 3.07 -15.64 -5.45
CA LEU A 100 2.85 -16.94 -4.83
C LEU A 100 2.09 -17.87 -5.79
N GLU A 101 1.01 -17.39 -6.44
CA GLU A 101 0.22 -18.21 -7.41
C GLU A 101 1.06 -18.63 -8.61
N LEU A 102 1.89 -17.70 -9.12
CA LEU A 102 2.73 -17.95 -10.29
C LEU A 102 4.08 -18.59 -9.94
N ASP A 103 4.41 -18.68 -8.63
CA ASP A 103 5.66 -19.22 -8.07
C ASP A 103 6.90 -18.49 -8.63
N ARG A 104 6.78 -17.18 -8.86
CA ARG A 104 7.90 -16.41 -9.39
C ARG A 104 7.78 -14.94 -9.04
N GLY A 105 8.89 -14.23 -9.17
CA GLY A 105 8.92 -12.80 -8.99
C GLY A 105 8.38 -12.09 -10.20
N LEU A 106 8.24 -10.78 -10.10
CA LEU A 106 7.81 -9.96 -11.20
C LEU A 106 9.02 -9.70 -12.09
N THR A 107 8.81 -9.59 -13.40
CA THR A 107 9.88 -9.23 -14.35
C THR A 107 10.18 -7.73 -14.16
N GLU A 108 11.35 -7.24 -14.63
CA GLU A 108 11.71 -5.81 -14.52
C GLU A 108 10.66 -4.91 -15.20
N PRO A 109 10.17 -5.18 -16.46
CA PRO A 109 9.14 -4.31 -17.05
C PRO A 109 7.86 -4.25 -16.21
N GLN A 110 7.52 -5.33 -15.49
CA GLN A 110 6.36 -5.36 -14.59
C GLN A 110 6.61 -4.50 -13.35
N ILE A 111 7.82 -4.59 -12.75
CA ILE A 111 8.23 -3.80 -11.59
C ILE A 111 8.16 -2.30 -11.92
N GLN A 112 8.63 -1.90 -13.13
CA GLN A 112 8.66 -0.52 -13.64
C GLN A 112 7.25 0.09 -13.69
N VAL A 113 6.20 -0.69 -14.07
CA VAL A 113 4.83 -0.19 -14.12
C VAL A 113 4.36 0.02 -12.66
N VAL A 114 4.58 -0.98 -11.76
CA VAL A 114 4.21 -0.90 -10.34
C VAL A 114 4.84 0.33 -9.72
N CYS A 115 6.16 0.49 -9.95
CA CYS A 115 6.97 1.56 -9.42
C CYS A 115 6.43 2.92 -9.89
N ARG A 116 6.24 3.08 -11.20
CA ARG A 116 5.72 4.29 -11.82
C ARG A 116 4.34 4.63 -11.27
N GLN A 117 3.43 3.65 -11.17
CA GLN A 117 2.10 3.91 -10.64
C GLN A 117 2.12 4.21 -9.11
N MET A 118 3.01 3.53 -8.31
CA MET A 118 3.13 3.78 -6.87
CA MET A 118 3.14 3.78 -6.87
C MET A 118 3.68 5.20 -6.63
N LEU A 119 4.70 5.58 -7.42
CA LEU A 119 5.33 6.91 -7.36
C LEU A 119 4.31 8.03 -7.68
N GLU A 120 3.30 7.73 -8.52
CA GLU A 120 2.21 8.65 -8.86
C GLU A 120 1.28 8.82 -7.66
N ALA A 121 0.90 7.69 -7.03
CA ALA A 121 0.03 7.62 -5.85
C ALA A 121 0.67 8.27 -4.63
N LEU A 122 1.98 8.06 -4.41
CA LEU A 122 2.75 8.59 -3.28
C LEU A 122 2.92 10.09 -3.42
N ASN A 123 3.07 10.58 -4.68
CA ASN A 123 3.21 12.01 -4.98
C ASN A 123 1.91 12.74 -4.63
N PHE A 124 0.75 12.12 -4.92
CA PHE A 124 -0.58 12.60 -4.57
C PHE A 124 -0.73 12.57 -3.03
N LEU A 125 -0.23 11.48 -2.36
CA LEU A 125 -0.31 11.32 -0.89
C LEU A 125 0.49 12.42 -0.19
N HIS A 126 1.69 12.74 -0.69
CA HIS A 126 2.54 13.81 -0.15
C HIS A 126 1.84 15.15 -0.30
N SER A 127 1.17 15.41 -1.46
CA SER A 127 0.44 16.66 -1.70
CA SER A 127 0.45 16.66 -1.70
C SER A 127 -0.67 16.85 -0.66
N LYS A 128 -1.32 15.77 -0.23
CA LYS A 128 -2.40 15.80 0.76
C LYS A 128 -1.87 15.63 2.22
N ARG A 129 -0.52 15.50 2.37
CA ARG A 129 0.25 15.30 3.61
C ARG A 129 -0.11 13.98 4.35
N ILE A 130 -0.51 12.93 3.58
CA ILE A 130 -0.82 11.61 4.13
C ILE A 130 0.39 10.71 3.94
N ILE A 131 0.84 10.04 5.05
CA ILE A 131 1.93 9.08 5.05
C ILE A 131 1.29 7.70 5.14
N HIS A 132 1.60 6.79 4.21
CA HIS A 132 1.01 5.45 4.20
C HIS A 132 1.55 4.63 5.38
N ARG A 133 2.89 4.61 5.55
CA ARG A 133 3.62 3.90 6.61
C ARG A 133 3.50 2.36 6.51
N ASP A 134 2.86 1.79 5.45
CA ASP A 134 2.76 0.31 5.41
C ASP A 134 2.86 -0.23 3.98
N LEU A 135 3.80 0.30 3.18
CA LEU A 135 3.98 -0.15 1.79
C LEU A 135 4.63 -1.53 1.79
N LYS A 136 4.13 -2.42 0.94
CA LYS A 136 4.56 -3.81 0.73
C LYS A 136 3.74 -4.36 -0.38
N ALA A 137 4.20 -5.46 -1.02
CA ALA A 137 3.50 -6.10 -2.15
C ALA A 137 2.08 -6.55 -1.76
N GLY A 138 1.89 -6.89 -0.48
CA GLY A 138 0.61 -7.26 0.12
C GLY A 138 -0.41 -6.15 0.16
N ASN A 139 0.04 -4.89 0.05
CA ASN A 139 -0.88 -3.75 0.02
C ASN A 139 -1.03 -3.11 -1.38
N VAL A 140 -0.48 -3.75 -2.40
CA VAL A 140 -0.59 -3.31 -3.80
C VAL A 140 -1.56 -4.30 -4.49
N LEU A 141 -2.79 -3.84 -4.80
CA LEU A 141 -3.80 -4.71 -5.42
C LEU A 141 -3.89 -4.47 -6.93
N MET A 142 -4.42 -5.46 -7.67
CA MET A 142 -4.52 -5.42 -9.13
C MET A 142 -5.96 -5.38 -9.65
N THR A 143 -6.15 -4.66 -10.75
CA THR A 143 -7.39 -4.58 -11.52
C THR A 143 -7.10 -5.40 -12.76
N LEU A 144 -8.13 -5.74 -13.57
CA LEU A 144 -7.94 -6.53 -14.80
C LEU A 144 -7.30 -5.73 -15.93
N GLU A 145 -7.24 -4.39 -15.78
CA GLU A 145 -6.70 -3.49 -16.79
C GLU A 145 -5.19 -3.24 -16.63
N GLY A 146 -4.57 -3.89 -15.66
CA GLY A 146 -3.14 -3.74 -15.46
C GLY A 146 -2.74 -2.54 -14.62
N ASP A 147 -3.68 -2.02 -13.80
CA ASP A 147 -3.38 -0.92 -12.89
C ASP A 147 -3.39 -1.40 -11.45
N ILE A 148 -2.54 -0.78 -10.64
CA ILE A 148 -2.42 -1.04 -9.20
C ILE A 148 -3.42 -0.16 -8.44
N ARG A 149 -3.76 -0.58 -7.23
CA ARG A 149 -4.56 0.16 -6.26
C ARG A 149 -3.88 -0.01 -4.92
N LEU A 150 -3.32 1.07 -4.40
CA LEU A 150 -2.66 1.12 -3.10
C LEU A 150 -3.75 1.03 -2.03
N ALA A 151 -3.62 0.01 -1.15
CA ALA A 151 -4.58 -0.42 -0.14
C ALA A 151 -4.11 -0.25 1.28
N ASP A 152 -5.02 -0.57 2.21
CA ASP A 152 -4.83 -0.62 3.67
C ASP A 152 -4.19 0.63 4.25
N PHE A 153 -5.00 1.66 4.54
CA PHE A 153 -4.49 2.91 5.15
C PHE A 153 -4.67 2.89 6.71
N GLY A 154 -4.56 1.69 7.28
CA GLY A 154 -4.70 1.36 8.70
C GLY A 154 -3.61 1.89 9.58
N VAL A 155 -2.34 1.60 9.22
CA VAL A 155 -1.16 2.09 9.94
C VAL A 155 -1.10 3.65 9.77
N SER A 156 -1.54 4.17 8.61
CA SER A 156 -1.66 5.59 8.30
C SER A 156 -2.65 6.27 9.28
N ALA A 157 -3.84 5.65 9.45
CA ALA A 157 -4.92 6.12 10.33
C ALA A 157 -4.49 6.17 11.79
N LYS A 158 -3.77 5.14 12.25
CA LYS A 158 -3.27 5.02 13.62
C LYS A 158 -2.19 6.07 13.89
N ASN A 159 -1.16 6.18 13.01
CA ASN A 159 -0.06 7.15 13.15
C ASN A 159 -0.55 8.60 12.96
N LEU A 160 -1.76 8.83 12.40
CA LEU A 160 -2.37 10.16 12.26
C LEU A 160 -3.36 10.43 13.41
N LYS A 161 -4.02 9.37 13.94
CA LYS A 161 -4.97 9.45 15.07
C LYS A 161 -4.22 9.72 16.37
N THR A 162 -3.09 9.02 16.59
CA THR A 162 -2.21 9.19 17.75
C THR A 162 -1.55 10.59 17.68
N LEU A 163 -1.31 11.12 16.45
CA LEU A 163 -0.73 12.45 16.22
C LEU A 163 -1.75 13.55 16.58
N GLN A 164 -3.03 13.39 16.14
CA GLN A 164 -4.12 14.33 16.42
C GLN A 164 -4.73 14.07 17.79
N PRO A 173 10.84 24.08 25.63
CA PRO A 173 11.40 22.83 25.06
C PRO A 173 12.94 22.83 25.09
N TYR A 174 13.54 23.74 25.93
CA TYR A 174 15.00 23.90 26.07
C TYR A 174 15.73 22.67 26.62
N TRP A 175 15.05 21.84 27.43
CA TRP A 175 15.67 20.70 28.12
C TRP A 175 15.50 19.38 27.35
N MET A 176 14.92 19.44 26.17
CA MET A 176 14.64 18.24 25.34
C MET A 176 15.94 17.58 24.82
N ALA A 177 16.05 16.25 24.98
CA ALA A 177 17.19 15.46 24.50
C ALA A 177 17.23 15.47 22.96
N PRO A 178 18.43 15.52 22.31
CA PRO A 178 18.48 15.59 20.83
C PRO A 178 17.79 14.43 20.11
N GLU A 179 17.84 13.21 20.68
CA GLU A 179 17.18 12.02 20.11
C GLU A 179 15.65 12.19 20.17
N VAL A 180 15.14 12.94 21.17
CA VAL A 180 13.70 13.20 21.31
C VAL A 180 13.33 14.28 20.28
N VAL A 181 14.22 15.29 20.13
CA VAL A 181 14.09 16.37 19.15
C VAL A 181 14.00 15.73 17.75
N MET A 182 14.90 14.77 17.47
CA MET A 182 14.99 14.04 16.20
C MET A 182 13.70 13.25 15.89
N CYS A 183 13.14 12.52 16.89
CA CYS A 183 11.91 11.74 16.74
C CYS A 183 10.67 12.64 16.59
N GLU A 184 10.77 13.93 16.99
CA GLU A 184 9.72 14.95 16.84
C GLU A 184 9.82 15.59 15.42
N THR A 185 10.92 15.30 14.70
CA THR A 185 11.23 15.76 13.34
C THR A 185 10.94 14.64 12.31
N MET A 186 10.91 13.36 12.76
CA MET A 186 10.56 12.20 11.93
C MET A 186 9.03 12.04 11.93
N LYS A 187 8.37 12.77 12.87
CA LYS A 187 6.93 12.91 13.07
C LYS A 187 6.54 14.35 12.68
N ASP A 188 7.17 14.84 11.59
CA ASP A 188 7.06 16.20 11.04
C ASP A 188 7.70 16.26 9.65
N THR A 189 7.32 17.27 8.85
CA THR A 189 7.86 17.55 7.52
C THR A 189 9.30 18.12 7.65
N PRO A 190 10.26 17.85 6.73
CA PRO A 190 10.18 17.13 5.44
C PRO A 190 10.78 15.70 5.49
N TYR A 191 10.68 15.05 6.67
CA TYR A 191 11.22 13.71 6.90
C TYR A 191 10.12 12.63 6.96
N ASP A 192 9.01 12.89 7.70
CA ASP A 192 7.91 11.95 7.93
C ASP A 192 7.40 11.26 6.65
N TYR A 193 7.36 11.95 5.51
CA TYR A 193 6.87 11.35 4.27
C TYR A 193 7.97 10.52 3.57
N LYS A 194 9.27 10.86 3.82
CA LYS A 194 10.39 10.12 3.21
C LYS A 194 10.43 8.62 3.59
N ALA A 195 9.74 8.19 4.68
CA ALA A 195 9.67 6.78 5.11
C ALA A 195 9.09 5.86 4.02
N ASP A 196 7.94 6.25 3.41
CA ASP A 196 7.26 5.54 2.32
C ASP A 196 8.15 5.32 1.10
N ILE A 197 9.16 6.18 0.90
CA ILE A 197 10.08 6.10 -0.24
C ILE A 197 11.02 4.90 -0.01
N TRP A 198 11.56 4.74 1.22
CA TRP A 198 12.42 3.60 1.59
C TRP A 198 11.61 2.31 1.45
N SER A 199 10.35 2.31 1.96
CA SER A 199 9.40 1.19 1.90
C SER A 199 9.12 0.79 0.46
N LEU A 200 8.99 1.80 -0.43
CA LEU A 200 8.80 1.56 -1.85
C LEU A 200 9.95 0.73 -2.41
N GLY A 201 11.18 1.13 -2.09
CA GLY A 201 12.41 0.45 -2.50
C GLY A 201 12.50 -0.97 -2.01
N ILE A 202 12.03 -1.23 -0.77
CA ILE A 202 12.01 -2.58 -0.20
C ILE A 202 10.95 -3.41 -0.95
N THR A 203 9.80 -2.80 -1.28
CA THR A 203 8.70 -3.42 -2.05
C THR A 203 9.19 -3.81 -3.44
N LEU A 204 10.08 -3.00 -4.05
CA LEU A 204 10.64 -3.32 -5.37
C LEU A 204 11.53 -4.57 -5.31
N ILE A 205 12.36 -4.68 -4.24
CA ILE A 205 13.25 -5.83 -4.03
C ILE A 205 12.38 -7.06 -3.80
N GLU A 206 11.31 -6.90 -2.99
CA GLU A 206 10.37 -7.96 -2.65
C GLU A 206 9.67 -8.48 -3.93
N MET A 207 9.35 -7.59 -4.89
CA MET A 207 8.70 -8.02 -6.12
C MET A 207 9.68 -8.69 -7.08
N ALA A 208 10.96 -8.33 -7.01
CA ALA A 208 12.00 -8.93 -7.86
C ALA A 208 12.46 -10.28 -7.34
N GLN A 209 12.41 -10.49 -6.01
CA GLN A 209 12.93 -11.69 -5.36
C GLN A 209 11.89 -12.50 -4.56
N ILE A 210 10.59 -12.09 -4.61
CA ILE A 210 9.41 -12.71 -3.94
C ILE A 210 9.41 -12.37 -2.43
N GLU A 211 10.58 -12.33 -1.81
CA GLU A 211 10.73 -12.09 -0.40
C GLU A 211 11.48 -10.80 -0.13
N PRO A 212 11.16 -10.09 0.99
CA PRO A 212 11.85 -8.83 1.27
C PRO A 212 13.24 -9.07 1.87
N PRO A 213 14.17 -8.09 1.83
CA PRO A 213 15.49 -8.30 2.46
C PRO A 213 15.37 -8.76 3.91
N HIS A 214 16.35 -9.57 4.39
CA HIS A 214 16.48 -10.14 5.75
C HIS A 214 15.33 -11.12 6.12
N HIS A 215 14.63 -11.72 5.12
CA HIS A 215 13.54 -12.69 5.33
CA HIS A 215 13.53 -12.65 5.39
C HIS A 215 14.05 -13.97 6.03
N GLU A 216 15.36 -14.28 5.89
CA GLU A 216 16.04 -15.47 6.44
C GLU A 216 16.16 -15.46 7.98
N LEU A 217 15.93 -14.29 8.58
CA LEU A 217 16.01 -14.01 10.02
C LEU A 217 14.62 -13.98 10.67
N ASN A 218 14.53 -14.23 12.00
CA ASN A 218 13.24 -14.12 12.72
C ASN A 218 12.90 -12.64 12.88
N PRO A 219 11.60 -12.24 12.97
CA PRO A 219 11.26 -10.80 12.98
C PRO A 219 11.84 -9.96 14.12
N MET A 220 12.38 -10.60 15.19
CA MET A 220 13.00 -9.88 16.31
C MET A 220 14.33 -9.24 15.88
N ARG A 221 15.12 -9.96 15.07
CA ARG A 221 16.43 -9.52 14.56
C ARG A 221 16.35 -8.43 13.48
N VAL A 222 15.24 -8.40 12.72
CA VAL A 222 15.00 -7.51 11.57
C VAL A 222 15.17 -6.02 11.92
N LEU A 223 14.53 -5.54 13.02
CA LEU A 223 14.64 -4.14 13.44
C LEU A 223 16.12 -3.71 13.61
N LEU A 224 16.92 -4.53 14.33
CA LEU A 224 18.35 -4.27 14.56
C LEU A 224 19.17 -4.43 13.28
N LYS A 225 18.74 -5.33 12.38
CA LYS A 225 19.40 -5.54 11.08
C LYS A 225 19.13 -4.32 10.13
N ILE A 226 17.93 -3.71 10.16
CA ILE A 226 17.68 -2.53 9.33
C ILE A 226 18.50 -1.35 9.89
N ALA A 227 18.63 -1.27 11.22
CA ALA A 227 19.37 -0.21 11.91
C ALA A 227 20.89 -0.25 11.64
N LYS A 228 21.52 -1.45 11.70
CA LYS A 228 22.97 -1.64 11.58
C LYS A 228 23.48 -2.03 10.18
N SER A 229 22.65 -2.71 9.36
CA SER A 229 23.08 -3.12 8.02
C SER A 229 23.11 -1.97 7.03
N ASP A 230 23.98 -2.10 6.02
CA ASP A 230 24.11 -1.19 4.88
C ASP A 230 22.83 -1.29 4.03
N PRO A 231 22.47 -0.27 3.20
CA PRO A 231 21.24 -0.39 2.38
C PRO A 231 21.17 -1.69 1.58
N PRO A 232 19.98 -2.35 1.51
CA PRO A 232 19.88 -3.61 0.74
C PRO A 232 20.05 -3.40 -0.75
N THR A 233 20.66 -4.39 -1.41
CA THR A 233 20.91 -4.44 -2.86
C THR A 233 20.30 -5.71 -3.42
N LEU A 234 20.12 -5.76 -4.77
CA LEU A 234 19.60 -6.93 -5.47
C LEU A 234 20.64 -8.05 -5.48
N LEU A 235 20.22 -9.27 -5.13
CA LEU A 235 21.04 -10.48 -5.04
C LEU A 235 21.91 -10.71 -6.29
N THR A 236 21.31 -10.66 -7.50
CA THR A 236 22.08 -10.90 -8.73
C THR A 236 22.04 -9.61 -9.60
N PRO A 237 23.05 -8.71 -9.48
CA PRO A 237 23.03 -7.46 -10.27
C PRO A 237 23.12 -7.66 -11.79
N SER A 238 23.54 -8.85 -12.25
CA SER A 238 23.65 -9.17 -13.68
C SER A 238 22.28 -9.48 -14.29
N LYS A 239 21.30 -9.87 -13.45
CA LYS A 239 19.92 -10.22 -13.83
C LYS A 239 19.04 -8.97 -14.04
N TRP A 240 19.51 -7.79 -13.57
CA TRP A 240 18.77 -6.53 -13.63
C TRP A 240 19.59 -5.42 -14.33
N SER A 241 18.89 -4.36 -14.79
CA SER A 241 19.50 -3.22 -15.48
C SER A 241 20.32 -2.33 -14.53
N VAL A 242 21.09 -1.39 -15.09
CA VAL A 242 21.89 -0.41 -14.34
C VAL A 242 20.92 0.65 -13.77
N GLU A 243 19.79 0.91 -14.50
CA GLU A 243 18.73 1.86 -14.13
C GLU A 243 18.02 1.39 -12.85
N PHE A 244 17.67 0.09 -12.77
CA PHE A 244 17.02 -0.52 -11.59
C PHE A 244 17.98 -0.44 -10.39
N ARG A 245 19.25 -0.86 -10.58
CA ARG A 245 20.32 -0.85 -9.57
C ARG A 245 20.57 0.58 -9.06
N ASP A 246 20.55 1.58 -9.97
CA ASP A 246 20.74 2.98 -9.60
C ASP A 246 19.50 3.55 -8.90
N PHE A 247 18.28 3.05 -9.23
CA PHE A 247 17.03 3.52 -8.63
C PHE A 247 17.01 3.19 -7.15
N LEU A 248 17.33 1.92 -6.83
CA LEU A 248 17.39 1.45 -5.45
C LEU A 248 18.53 2.11 -4.69
N LYS A 249 19.68 2.38 -5.36
CA LYS A 249 20.86 3.04 -4.78
C LYS A 249 20.49 4.41 -4.18
N ILE A 250 19.68 5.21 -4.90
CA ILE A 250 19.27 6.55 -4.48
C ILE A 250 18.03 6.52 -3.59
N ALA A 251 17.03 5.66 -3.88
CA ALA A 251 15.81 5.57 -3.09
C ALA A 251 16.05 4.97 -1.70
N LEU A 252 17.00 4.02 -1.60
CA LEU A 252 17.33 3.38 -0.33
C LEU A 252 18.54 4.06 0.32
N ASP A 253 18.37 5.36 0.54
CA ASP A 253 19.31 6.24 1.22
C ASP A 253 18.92 6.18 2.70
N LYS A 254 19.86 5.78 3.57
CA LYS A 254 19.59 5.66 4.99
C LYS A 254 19.30 7.04 5.63
N ASN A 255 19.84 8.10 5.03
CA ASN A 255 19.63 9.48 5.46
C ASN A 255 18.34 10.01 4.81
N PRO A 256 17.26 10.26 5.59
CA PRO A 256 16.01 10.76 4.98
C PRO A 256 16.09 12.16 4.35
N GLU A 257 17.07 12.98 4.77
CA GLU A 257 17.25 14.33 4.25
C GLU A 257 17.74 14.32 2.80
N THR A 258 18.65 13.39 2.45
CA THR A 258 19.22 13.28 1.11
C THR A 258 18.35 12.39 0.20
N ARG A 259 17.60 11.44 0.79
CA ARG A 259 16.67 10.52 0.11
C ARG A 259 15.66 11.34 -0.72
N PRO A 260 15.42 11.02 -2.01
CA PRO A 260 14.51 11.87 -2.81
C PRO A 260 13.03 11.64 -2.50
N SER A 261 12.18 12.59 -2.95
CA SER A 261 10.72 12.52 -2.85
C SER A 261 10.19 11.68 -4.02
N ALA A 262 8.88 11.37 -4.03
CA ALA A 262 8.29 10.59 -5.11
C ALA A 262 8.26 11.38 -6.43
N ALA A 263 8.25 12.73 -6.34
CA ALA A 263 8.26 13.69 -7.45
C ALA A 263 9.61 13.67 -8.17
N GLN A 264 10.72 13.58 -7.41
CA GLN A 264 12.09 13.54 -7.91
C GLN A 264 12.39 12.18 -8.54
N LEU A 265 11.78 11.12 -7.99
CA LEU A 265 11.97 9.75 -8.48
C LEU A 265 11.20 9.51 -9.79
N LEU A 266 10.13 10.29 -10.07
CA LEU A 266 9.35 10.19 -11.31
C LEU A 266 10.19 10.61 -12.53
N GLU A 267 11.27 11.38 -12.28
CA GLU A 267 12.24 11.85 -13.28
C GLU A 267 13.38 10.83 -13.55
N HIS A 268 13.47 9.74 -12.76
CA HIS A 268 14.52 8.72 -12.90
C HIS A 268 14.31 7.87 -14.18
N PRO A 269 15.39 7.49 -14.91
CA PRO A 269 15.22 6.71 -16.16
C PRO A 269 14.46 5.39 -16.03
N PHE A 270 14.44 4.78 -14.82
CA PHE A 270 13.76 3.52 -14.55
C PHE A 270 12.22 3.64 -14.68
N VAL A 271 11.66 4.86 -14.56
CA VAL A 271 10.20 5.05 -14.63
C VAL A 271 9.77 6.15 -15.62
N SER A 272 10.63 7.15 -15.92
CA SER A 272 10.28 8.29 -16.76
C SER A 272 9.76 7.93 -18.18
N SER A 273 10.24 6.83 -18.80
CA SER A 273 9.84 6.42 -20.16
C SER A 273 8.64 5.42 -20.20
N ILE A 274 8.11 5.02 -19.05
CA ILE A 274 6.99 4.07 -18.97
C ILE A 274 5.68 4.78 -19.39
N THR A 275 5.16 4.40 -20.55
CA THR A 275 3.93 4.94 -21.13
C THR A 275 2.83 3.83 -21.22
N SER A 276 3.16 2.57 -20.89
CA SER A 276 2.17 1.50 -20.99
C SER A 276 2.18 0.57 -19.74
N ASN A 277 0.99 0.03 -19.39
CA ASN A 277 0.73 -0.90 -18.29
C ASN A 277 0.58 -2.33 -18.83
N LYS A 278 0.88 -2.53 -20.13
CA LYS A 278 0.77 -3.80 -20.85
C LYS A 278 1.41 -4.94 -20.07
N ALA A 279 2.60 -4.70 -19.47
CA ALA A 279 3.34 -5.71 -18.72
C ALA A 279 2.51 -6.23 -17.54
N LEU A 280 1.69 -5.36 -16.90
CA LEU A 280 0.85 -5.77 -15.76
C LEU A 280 -0.48 -6.37 -16.19
N ARG A 281 -1.00 -5.98 -17.33
CA ARG A 281 -2.19 -6.61 -17.92
C ARG A 281 -1.81 -8.07 -18.26
N GLU A 282 -0.57 -8.27 -18.77
CA GLU A 282 -0.02 -9.58 -19.13
C GLU A 282 0.24 -10.39 -17.88
N LEU A 283 0.56 -9.74 -16.74
CA LEU A 283 0.75 -10.43 -15.48
C LEU A 283 -0.60 -10.96 -14.93
N VAL A 284 -1.65 -10.11 -14.99
CA VAL A 284 -2.99 -10.48 -14.50
C VAL A 284 -3.57 -11.63 -15.37
N ALA A 285 -3.31 -11.62 -16.69
CA ALA A 285 -3.79 -12.66 -17.58
C ALA A 285 -3.14 -13.97 -17.22
N GLU A 286 -1.81 -13.97 -16.97
CA GLU A 286 -1.05 -15.18 -16.62
C GLU A 286 -1.49 -15.77 -15.29
N ALA A 287 -1.84 -14.91 -14.31
CA ALA A 287 -2.28 -15.38 -13.00
C ALA A 287 -3.67 -16.03 -13.11
N LYS A 288 -4.61 -15.41 -13.89
CA LYS A 288 -5.96 -16.01 -14.10
C LYS A 288 -5.90 -17.41 -14.75
N ALA A 289 -4.98 -17.56 -15.71
CA ALA A 289 -4.79 -18.82 -16.45
C ALA A 289 -4.11 -19.88 -15.56
N GLU A 290 -3.28 -19.43 -14.64
CA GLU A 290 -2.63 -20.30 -13.68
C GLU A 290 -3.65 -20.92 -12.70
N VAL A 291 -4.71 -20.17 -12.33
CA VAL A 291 -5.76 -20.68 -11.42
C VAL A 291 -6.42 -21.93 -12.00
N MET A 292 -6.69 -21.97 -13.35
CA MET A 292 -7.35 -23.11 -14.00
C MET A 292 -6.52 -24.41 -14.01
N GLU A 293 -5.19 -24.28 -13.87
CA GLU A 293 -4.27 -25.41 -13.80
C GLU A 293 -4.50 -26.22 -12.51
#